data_5KVL
#
_entry.id   5KVL
#
_cell.length_a   51.880
_cell.length_b   41.631
_cell.length_c   93.126
_cell.angle_alpha   90.00
_cell.angle_beta   104.69
_cell.angle_gamma   90.00
#
_symmetry.space_group_name_H-M   'P 1 21 1'
#
loop_
_entity.id
_entity.type
_entity.pdbx_description
1 polymer 'Humanized 10G4 anti-Leukotriene C4 Immunoglobulin G (IgG) heavy chain Fab fragment'
2 polymer 'Humanized 10G4 anti-Leukotriene C4 Immunoglobulin G (IgG) light chain'
3 non-polymer 'ZINC ION'
4 non-polymer 1,2-ETHANEDIOL
5 non-polymer 'TRIETHYLENE GLYCOL'
6 non-polymer 2-AMINO-2-HYDROXYMETHYL-PROPANE-1,3-DIOL
7 non-polymer '(5~{S},6~{R},7~{E},9~{E},11~{Z},14~{Z})-6-[(2~{R})-2-[[(4~{S})-4-azanyl-5-oxidanyl-5-oxidanylidene-pentanoyl]amino]-3-( 2-hydroxy-2-oxoethylamino)-3-oxidanylidene-propyl]sulfanyl-5-oxidanyl-icosa-7,9,11,14-tetraenoic acid'
8 water water
#
loop_
_entity_poly.entity_id
_entity_poly.type
_entity_poly.pdbx_seq_one_letter_code
_entity_poly.pdbx_strand_id
1 'polypeptide(L)'
;QVQLQESGPGLVKPSETLSVTCTVSGYSITSSYSWNWIRQFPGKGLEWIGNIYYSGSTNYNPSLKSRISISRDTSKNQFS
LKLSSVTAADTAVYYCANPRVWGQGTTVTVSSASTKGPSVFPLAPSSKSTSGGTAALGCLVKDYFPEPVTVSWNSGALTS
GVHTFPAVLQSSGLYSLSSVVTVPSSSLGTQTYICNVNHKPSNTKVDKRVEPKSC
;
H
2 'polypeptide(L)'
;DIQMTQSPSSLSASVGDRVTITCRASQEISGYLGWLQQKPGKAIKRLIYAASTLDSGVPSRFSGSRSGTDFTLTISSLQP
EDFATYYCLQYASFPRTFGQGTKLEIKRTVAAPSVFIFPPSDEQLKSGTASVVCLLNNFYPREAKVQWKVDNALQSGNSQ
ESVTEQDSKDSTYSLSSTLTLSKADYEKHKVYACEVTHQGLSSPVTKSFNRGEC
;
L
#
# COMPACT_ATOMS: atom_id res chain seq x y z
N GLN A 1 -17.69 0.47 19.67
CA GLN A 1 -18.16 -0.94 19.52
C GLN A 1 -18.24 -1.42 18.07
N VAL A 2 -18.53 -0.49 17.16
CA VAL A 2 -18.74 -0.84 15.75
C VAL A 2 -17.47 -1.35 15.09
N GLN A 3 -17.59 -2.49 14.40
CA GLN A 3 -16.55 -3.00 13.53
C GLN A 3 -17.16 -3.26 12.16
N LEU A 4 -16.40 -2.99 11.09
CA LEU A 4 -16.90 -3.13 9.73
C LEU A 4 -15.93 -3.94 8.88
N GLN A 5 -16.47 -4.77 7.98
CA GLN A 5 -15.64 -5.61 7.13
C GLN A 5 -16.28 -5.77 5.75
N GLU A 6 -15.51 -5.42 4.72
CA GLU A 6 -15.96 -5.51 3.34
C GLU A 6 -15.66 -6.88 2.74
N SER A 7 -16.55 -7.32 1.85
CA SER A 7 -16.32 -8.53 1.07
C SER A 7 -16.86 -8.33 -0.34
N GLY A 8 -16.32 -9.09 -1.28
CA GLY A 8 -16.81 -9.03 -2.66
C GLY A 8 -15.84 -9.67 -3.64
N PRO A 9 -16.32 -10.00 -4.86
CA PRO A 9 -15.44 -10.49 -5.91
C PRO A 9 -14.32 -9.49 -6.21
N GLY A 10 -13.10 -10.01 -6.31
CA GLY A 10 -11.93 -9.20 -6.59
C GLY A 10 -11.78 -8.86 -8.06
N LEU A 11 -12.44 -9.63 -8.92
CA LEU A 11 -12.34 -9.43 -10.36
C LEU A 11 -13.73 -9.46 -10.99
N VAL A 12 -14.06 -8.41 -11.73
CA VAL A 12 -15.35 -8.28 -12.41
C VAL A 12 -15.11 -7.94 -13.87
N LYS A 13 -15.87 -8.56 -14.78
CA LYS A 13 -15.76 -8.24 -16.20
C LYS A 13 -16.46 -6.93 -16.54
N PRO A 14 -15.93 -6.18 -17.52
CA PRO A 14 -16.57 -4.93 -17.97
C PRO A 14 -18.02 -5.17 -18.39
N SER A 15 -18.86 -4.18 -18.15
CA SER A 15 -20.30 -4.20 -18.47
C SER A 15 -21.18 -5.01 -17.50
N GLU A 16 -20.53 -5.78 -16.63
CA GLU A 16 -21.25 -6.55 -15.60
C GLU A 16 -21.51 -5.68 -14.35
N THR A 17 -22.10 -6.29 -13.33
CA THR A 17 -22.40 -5.61 -12.07
C THR A 17 -21.42 -6.00 -10.97
N LEU A 18 -20.80 -4.98 -10.38
CA LEU A 18 -19.91 -5.11 -9.23
C LEU A 18 -20.77 -5.07 -7.97
N SER A 19 -20.59 -6.07 -7.11
CA SER A 19 -21.30 -6.13 -5.84
C SER A 19 -20.30 -6.27 -4.69
N VAL A 20 -20.43 -5.39 -3.70
CA VAL A 20 -19.64 -5.49 -2.47
C VAL A 20 -20.56 -5.43 -1.25
N THR A 21 -20.17 -6.11 -0.18
CA THR A 21 -21.01 -6.19 1.01
C THR A 21 -20.21 -5.79 2.25
N CYS A 22 -20.86 -5.06 3.14
CA CYS A 22 -20.27 -4.69 4.42
C CYS A 22 -20.95 -5.48 5.52
N THR A 23 -20.17 -6.22 6.30
CA THR A 23 -20.68 -6.93 7.47
C THR A 23 -20.35 -6.10 8.72
N VAL A 24 -21.40 -5.69 9.43
CA VAL A 24 -21.24 -4.84 10.60
C VAL A 24 -21.39 -5.68 11.86
N SER A 25 -20.47 -5.47 12.81
CA SER A 25 -20.54 -6.16 14.09
CA SER A 25 -20.48 -6.18 14.09
C SER A 25 -20.51 -5.19 15.25
N GLY A 26 -21.17 -5.56 16.34
CA GLY A 26 -21.17 -4.78 17.57
C GLY A 26 -22.11 -3.59 17.64
N TYR A 27 -23.07 -3.53 16.73
CA TYR A 27 -24.03 -2.43 16.65
C TYR A 27 -24.98 -2.67 15.49
N SER A 28 -26.28 -2.45 15.71
CA SER A 28 -27.28 -2.65 14.66
C SER A 28 -27.33 -1.47 13.69
N ILE A 29 -27.32 -1.78 12.40
CA ILE A 29 -27.41 -0.75 11.36
C ILE A 29 -28.78 -0.07 11.30
N THR A 30 -29.72 -0.54 12.12
CA THR A 30 -31.05 0.06 12.20
C THR A 30 -31.18 1.08 13.35
N SER A 31 -30.16 1.14 14.20
CA SER A 31 -30.21 1.92 15.44
C SER A 31 -29.97 3.41 15.23
N SER A 32 -28.90 3.73 14.51
CA SER A 32 -28.56 5.10 14.18
C SER A 32 -27.49 5.10 13.09
N TYR A 33 -27.03 6.30 12.73
CA TYR A 33 -25.91 6.54 11.80
C TYR A 33 -26.25 6.41 10.32
N SER A 34 -25.40 7.04 9.51
CA SER A 34 -25.30 6.72 8.09
C SER A 34 -24.36 5.55 7.91
N TRP A 35 -24.65 4.73 6.90
CA TRP A 35 -23.79 3.61 6.58
C TRP A 35 -23.36 3.81 5.12
N ASN A 36 -22.06 4.09 4.97
CA ASN A 36 -21.52 4.70 3.75
C ASN A 36 -20.66 3.75 2.94
N TRP A 37 -20.65 3.98 1.63
CA TRP A 37 -19.68 3.36 0.72
C TRP A 37 -18.78 4.45 0.15
N ILE A 38 -17.48 4.19 0.14
CA ILE A 38 -16.46 5.10 -0.34
C ILE A 38 -15.49 4.26 -1.16
N ARG A 39 -14.88 4.86 -2.17
CA ARG A 39 -13.83 4.15 -2.89
C ARG A 39 -12.58 4.99 -3.10
N GLN A 40 -11.43 4.31 -3.19
CA GLN A 40 -10.16 4.95 -3.49
C GLN A 40 -9.55 4.37 -4.75
N PHE A 41 -9.26 5.24 -5.70
CA PHE A 41 -8.74 4.83 -6.99
C PHE A 41 -7.23 4.59 -6.95
N PRO A 42 -6.69 3.87 -7.95
CA PRO A 42 -5.24 3.66 -8.03
C PRO A 42 -4.44 4.96 -7.95
N GLY A 43 -5.02 6.04 -8.46
CA GLY A 43 -4.43 7.38 -8.38
C GLY A 43 -4.50 8.02 -7.00
N LYS A 44 -5.15 7.33 -6.07
CA LYS A 44 -5.22 7.67 -4.63
C LYS A 44 -6.40 8.58 -4.22
N GLY A 45 -7.10 9.12 -5.21
CA GLY A 45 -8.29 9.94 -4.96
C GLY A 45 -9.39 9.17 -4.25
N LEU A 46 -10.10 9.86 -3.36
CA LEU A 46 -11.25 9.28 -2.65
C LEU A 46 -12.54 9.83 -3.22
N GLU A 47 -13.55 8.97 -3.26
CA GLU A 47 -14.89 9.35 -3.73
C GLU A 47 -15.96 8.73 -2.83
N TRP A 48 -16.87 9.58 -2.34
CA TRP A 48 -18.03 9.10 -1.60
C TRP A 48 -19.08 8.61 -2.59
N ILE A 49 -19.44 7.33 -2.47
CA ILE A 49 -20.35 6.68 -3.42
C ILE A 49 -21.81 6.89 -3.02
N GLY A 50 -22.11 6.68 -1.74
CA GLY A 50 -23.48 6.83 -1.27
C GLY A 50 -23.64 6.34 0.14
N ASN A 51 -24.85 6.45 0.66
CA ASN A 51 -25.16 5.90 1.98
C ASN A 51 -26.54 5.27 2.08
N ILE A 52 -26.76 4.59 3.20
CA ILE A 52 -28.09 4.18 3.63
C ILE A 52 -28.15 4.50 5.13
N TYR A 53 -29.21 5.19 5.54
CA TYR A 53 -29.37 5.55 6.94
C TYR A 53 -30.02 4.42 7.74
N TYR A 54 -29.99 4.54 9.06
CA TYR A 54 -30.64 3.60 9.96
C TYR A 54 -32.11 3.38 9.58
N SER A 55 -32.71 4.39 8.95
CA SER A 55 -34.11 4.38 8.55
C SER A 55 -34.36 3.59 7.27
N GLY A 56 -33.29 3.33 6.51
CA GLY A 56 -33.39 2.68 5.21
C GLY A 56 -33.33 3.66 4.04
N SER A 57 -33.36 4.96 4.35
CA SER A 57 -33.28 5.98 3.30
C SER A 57 -31.89 6.03 2.69
N THR A 58 -31.82 6.13 1.37
CA THR A 58 -30.54 6.13 0.66
C THR A 58 -30.20 7.48 0.03
N ASN A 59 -28.90 7.71 -0.15
CA ASN A 59 -28.39 8.88 -0.87
C ASN A 59 -27.27 8.42 -1.76
N TYR A 60 -27.36 8.78 -3.04
CA TYR A 60 -26.35 8.40 -4.03
C TYR A 60 -25.63 9.60 -4.61
N ASN A 61 -24.33 9.48 -4.81
CA ASN A 61 -23.55 10.49 -5.53
C ASN A 61 -24.15 10.66 -6.93
N PRO A 62 -24.53 11.90 -7.28
CA PRO A 62 -25.13 12.17 -8.60
C PRO A 62 -24.30 11.69 -9.81
N SER A 63 -22.98 11.61 -9.65
CA SER A 63 -22.11 11.13 -10.74
C SER A 63 -22.29 9.64 -11.03
N LEU A 64 -22.95 8.93 -10.11
CA LEU A 64 -23.14 7.47 -10.20
C LEU A 64 -24.61 7.07 -10.17
N LYS A 65 -25.51 8.05 -10.05
CA LYS A 65 -26.91 7.79 -9.72
C LYS A 65 -27.68 6.86 -10.68
N SER A 66 -27.24 6.78 -11.93
CA SER A 66 -27.93 5.96 -12.93
C SER A 66 -27.55 4.48 -12.88
N ARG A 67 -26.49 4.14 -12.14
CA ARG A 67 -25.96 2.78 -12.15
C ARG A 67 -25.62 2.25 -10.75
N ILE A 68 -26.33 2.75 -9.75
CA ILE A 68 -26.04 2.44 -8.35
C ILE A 68 -27.29 2.00 -7.58
N SER A 69 -27.12 1.04 -6.68
CA SER A 69 -28.09 0.77 -5.64
C SER A 69 -27.36 0.40 -4.36
N ILE A 70 -27.86 0.91 -3.24
CA ILE A 70 -27.41 0.48 -1.93
C ILE A 70 -28.59 -0.12 -1.21
N SER A 71 -28.40 -1.34 -0.71
CA SER A 71 -29.45 -2.05 -0.01
C SER A 71 -28.91 -2.61 1.29
N ARG A 72 -29.81 -3.14 2.11
CA ARG A 72 -29.42 -3.72 3.39
C ARG A 72 -30.19 -4.99 3.71
N ASP A 73 -29.58 -5.83 4.53
CA ASP A 73 -30.23 -7.00 5.07
C ASP A 73 -30.11 -6.89 6.59
N THR A 74 -31.19 -6.43 7.22
CA THR A 74 -31.20 -6.12 8.64
C THR A 74 -31.08 -7.38 9.50
N SER A 75 -31.50 -8.51 8.94
CA SER A 75 -31.40 -9.81 9.61
C SER A 75 -29.96 -10.34 9.65
N LYS A 76 -29.12 -9.83 8.75
CA LYS A 76 -27.72 -10.22 8.71
C LYS A 76 -26.80 -9.08 9.21
N ASN A 77 -27.40 -7.92 9.50
CA ASN A 77 -26.65 -6.71 9.84
C ASN A 77 -25.61 -6.37 8.77
N GLN A 78 -26.06 -6.43 7.53
CA GLN A 78 -25.19 -6.17 6.38
C GLN A 78 -25.81 -5.10 5.50
N PHE A 79 -24.97 -4.33 4.80
CA PHE A 79 -25.44 -3.46 3.73
C PHE A 79 -24.53 -3.60 2.51
N SER A 80 -25.08 -3.40 1.32
CA SER A 80 -24.39 -3.76 0.09
C SER A 80 -24.48 -2.68 -0.99
N LEU A 81 -23.45 -2.63 -1.84
CA LEU A 81 -23.41 -1.74 -2.99
C LEU A 81 -23.46 -2.56 -4.27
N LYS A 82 -24.33 -2.17 -5.18
CA LYS A 82 -24.31 -2.68 -6.54
C LYS A 82 -24.01 -1.55 -7.50
N LEU A 83 -22.97 -1.75 -8.31
CA LEU A 83 -22.58 -0.79 -9.34
C LEU A 83 -22.64 -1.50 -10.69
N SER A 84 -23.50 -1.01 -11.58
CA SER A 84 -23.73 -1.69 -12.86
C SER A 84 -22.96 -1.04 -14.00
N SER A 85 -22.94 -1.72 -15.15
CA SER A 85 -22.24 -1.26 -16.36
C SER A 85 -20.81 -0.80 -16.05
N VAL A 86 -20.06 -1.64 -15.34
CA VAL A 86 -18.72 -1.25 -14.90
C VAL A 86 -17.72 -1.17 -16.05
N THR A 87 -16.70 -0.34 -15.86
CA THR A 87 -15.56 -0.27 -16.76
C THR A 87 -14.30 -0.38 -15.91
N ALA A 88 -13.15 -0.46 -16.57
CA ALA A 88 -11.85 -0.50 -15.90
C ALA A 88 -11.65 0.70 -14.96
N ALA A 89 -12.34 1.81 -15.24
CA ALA A 89 -12.28 2.99 -14.38
C ALA A 89 -12.88 2.76 -12.98
N ASP A 90 -13.66 1.70 -12.83
CA ASP A 90 -14.23 1.33 -11.52
C ASP A 90 -13.28 0.49 -10.65
N THR A 91 -12.09 0.20 -11.17
CA THR A 91 -11.05 -0.47 -10.39
C THR A 91 -10.66 0.41 -9.20
N ALA A 92 -10.83 -0.12 -7.99
CA ALA A 92 -10.64 0.68 -6.77
C ALA A 92 -10.66 -0.19 -5.52
N VAL A 93 -10.25 0.39 -4.40
CA VAL A 93 -10.51 -0.20 -3.10
C VAL A 93 -11.85 0.35 -2.62
N TYR A 94 -12.75 -0.56 -2.25
CA TYR A 94 -14.09 -0.21 -1.76
C TYR A 94 -14.16 -0.31 -0.24
N TYR A 95 -14.50 0.80 0.41
CA TYR A 95 -14.60 0.85 1.87
C TYR A 95 -16.03 1.09 2.32
N CYS A 96 -16.42 0.44 3.41
CA CYS A 96 -17.63 0.85 4.12
C CYS A 96 -17.27 1.59 5.41
N ALA A 97 -18.14 2.50 5.83
CA ALA A 97 -17.88 3.34 6.99
C ALA A 97 -19.17 3.86 7.61
N ASN A 98 -19.23 3.91 8.93
CA ASN A 98 -20.20 4.78 9.59
C ASN A 98 -19.55 6.18 9.68
N PRO A 99 -20.14 7.14 10.42
CA PRO A 99 -19.48 8.45 10.44
C PRO A 99 -18.04 8.48 10.96
N ARG A 100 -17.67 7.52 11.82
CA ARG A 100 -16.33 7.50 12.40
C ARG A 100 -15.43 6.35 11.92
N VAL A 101 -15.96 5.12 11.95
CA VAL A 101 -15.16 3.92 11.70
C VAL A 101 -15.23 3.48 10.25
N TRP A 102 -14.06 3.25 9.64
CA TRP A 102 -13.96 2.69 8.29
C TRP A 102 -13.45 1.25 8.36
N GLY A 103 -13.93 0.41 7.45
CA GLY A 103 -13.34 -0.92 7.26
C GLY A 103 -12.01 -0.82 6.53
N GLN A 104 -11.27 -1.93 6.49
CA GLN A 104 -9.96 -1.96 5.85
C GLN A 104 -10.04 -1.93 4.32
N GLY A 105 -11.22 -2.25 3.80
CA GLY A 105 -11.46 -2.17 2.36
C GLY A 105 -11.32 -3.50 1.64
N THR A 106 -11.96 -3.58 0.47
CA THR A 106 -11.82 -4.73 -0.43
C THR A 106 -11.46 -4.24 -1.83
N THR A 107 -10.49 -4.89 -2.46
CA THR A 107 -9.97 -4.47 -3.75
C THR A 107 -10.75 -5.15 -4.88
N VAL A 108 -11.27 -4.35 -5.80
CA VAL A 108 -11.99 -4.86 -6.96
C VAL A 108 -11.35 -4.31 -8.24
N THR A 109 -11.03 -5.21 -9.16
CA THR A 109 -10.46 -4.86 -10.45
C THR A 109 -11.45 -5.23 -11.54
N VAL A 110 -11.67 -4.31 -12.48
CA VAL A 110 -12.54 -4.59 -13.61
C VAL A 110 -11.69 -4.83 -14.85
N SER A 111 -11.80 -6.04 -15.39
CA SER A 111 -10.96 -6.51 -16.51
C SER A 111 -11.57 -7.74 -17.16
N SER A 112 -11.27 -7.93 -18.45
CA SER A 112 -11.71 -9.11 -19.20
C SER A 112 -10.76 -10.30 -19.00
N ALA A 113 -9.59 -10.02 -18.45
CA ALA A 113 -8.56 -11.04 -18.26
C ALA A 113 -8.88 -11.96 -17.10
N SER A 114 -8.53 -13.23 -17.24
CA SER A 114 -8.78 -14.22 -16.18
C SER A 114 -7.75 -14.09 -15.07
N THR A 115 -8.06 -14.66 -13.91
CA THR A 115 -7.17 -14.55 -12.75
C THR A 115 -5.96 -15.48 -12.87
N LYS A 116 -4.82 -15.04 -12.34
CA LYS A 116 -3.60 -15.85 -12.29
C LYS A 116 -2.97 -15.77 -10.90
N GLY A 117 -2.74 -16.94 -10.30
CA GLY A 117 -2.02 -17.02 -9.02
C GLY A 117 -0.53 -16.88 -9.23
N PRO A 118 0.19 -16.35 -8.23
CA PRO A 118 1.61 -16.09 -8.38
C PRO A 118 2.48 -17.35 -8.31
N SER A 119 3.65 -17.25 -8.93
CA SER A 119 4.77 -18.12 -8.63
C SER A 119 5.57 -17.45 -7.52
N VAL A 120 6.13 -18.25 -6.63
CA VAL A 120 6.88 -17.71 -5.49
C VAL A 120 8.27 -18.32 -5.50
N PHE A 121 9.28 -17.45 -5.53
CA PHE A 121 10.68 -17.88 -5.60
C PHE A 121 11.46 -17.35 -4.41
N PRO A 122 12.38 -18.17 -3.85
CA PRO A 122 13.16 -17.71 -2.69
C PRO A 122 14.21 -16.68 -3.05
N LEU A 123 14.40 -15.71 -2.15
CA LEU A 123 15.54 -14.82 -2.19
C LEU A 123 16.46 -15.26 -1.05
N ALA A 124 17.38 -16.15 -1.37
CA ALA A 124 18.18 -16.85 -0.36
C ALA A 124 19.17 -15.93 0.34
N PRO A 125 19.30 -16.07 1.67
CA PRO A 125 20.35 -15.34 2.35
C PRO A 125 21.71 -15.92 2.00
N SER A 126 22.72 -15.06 1.91
CA SER A 126 24.09 -15.50 1.64
C SER A 126 25.06 -14.47 2.20
N SER A 127 26.35 -14.63 1.90
CA SER A 127 27.36 -13.65 2.29
C SER A 127 27.07 -12.27 1.70
N LYS A 128 26.40 -12.26 0.55
CA LYS A 128 26.09 -11.03 -0.18
C LYS A 128 24.78 -10.36 0.27
N SER A 129 24.15 -10.93 1.29
CA SER A 129 22.98 -10.30 1.92
C SER A 129 23.12 -10.23 3.45
N THR A 130 24.36 -10.31 3.92
CA THR A 130 24.66 -10.31 5.35
C THR A 130 25.71 -9.25 5.70
N SER A 131 25.46 -8.51 6.78
CA SER A 131 26.42 -7.55 7.31
C SER A 131 26.24 -7.35 8.81
N GLY A 132 27.34 -7.48 9.55
CA GLY A 132 27.38 -7.17 10.97
C GLY A 132 26.36 -7.89 11.84
N GLY A 133 26.14 -9.18 11.54
CA GLY A 133 25.23 -9.99 12.33
C GLY A 133 23.77 -9.92 11.90
N THR A 134 23.49 -9.15 10.84
CA THR A 134 22.15 -9.07 10.27
C THR A 134 22.17 -9.63 8.85
N ALA A 135 21.24 -10.55 8.57
CA ALA A 135 21.10 -11.11 7.23
C ALA A 135 19.73 -10.78 6.66
N ALA A 136 19.70 -10.55 5.34
CA ALA A 136 18.43 -10.34 4.64
C ALA A 136 18.08 -11.55 3.79
N LEU A 137 16.79 -11.87 3.77
CA LEU A 137 16.25 -12.94 2.93
C LEU A 137 14.85 -12.53 2.50
N GLY A 138 14.28 -13.25 1.54
CA GLY A 138 12.94 -12.91 1.08
C GLY A 138 12.29 -13.87 0.12
N CYS A 139 11.17 -13.43 -0.44
CA CYS A 139 10.47 -14.15 -1.48
C CYS A 139 10.09 -13.21 -2.61
N LEU A 140 10.29 -13.67 -3.84
CA LEU A 140 9.82 -12.95 -5.01
C LEU A 140 8.46 -13.53 -5.42
N VAL A 141 7.45 -12.67 -5.44
CA VAL A 141 6.07 -13.07 -5.71
C VAL A 141 5.71 -12.54 -7.10
N LYS A 142 5.67 -13.45 -8.08
CA LYS A 142 5.72 -13.05 -9.48
C LYS A 142 4.52 -13.50 -10.31
N ASP A 143 4.09 -12.61 -11.21
CA ASP A 143 3.14 -12.93 -12.29
C ASP A 143 1.74 -13.29 -11.82
N TYR A 144 1.15 -12.43 -11.00
CA TYR A 144 -0.23 -12.64 -10.54
C TYR A 144 -1.15 -11.54 -11.03
N PHE A 145 -2.44 -11.84 -11.05
CA PHE A 145 -3.47 -10.87 -11.45
C PHE A 145 -4.83 -11.32 -10.91
N PRO A 146 -5.61 -10.38 -10.36
CA PRO A 146 -5.31 -8.98 -10.08
C PRO A 146 -4.74 -8.81 -8.68
N GLU A 147 -4.68 -7.56 -8.21
CA GLU A 147 -4.33 -7.26 -6.83
C GLU A 147 -5.46 -7.69 -5.89
N PRO A 148 -5.14 -7.97 -4.61
CA PRO A 148 -3.83 -7.95 -4.00
C PRO A 148 -3.33 -9.35 -3.64
N VAL A 149 -2.09 -9.45 -3.20
CA VAL A 149 -1.63 -10.61 -2.46
C VAL A 149 -1.37 -10.19 -1.02
N THR A 150 -1.50 -11.14 -0.10
CA THR A 150 -1.03 -10.93 1.26
C THR A 150 0.17 -11.84 1.48
N VAL A 151 1.19 -11.31 2.15
CA VAL A 151 2.38 -12.09 2.43
C VAL A 151 2.62 -12.09 3.93
N SER A 152 2.69 -13.28 4.51
CA SER A 152 3.16 -13.42 5.88
C SER A 152 4.47 -14.19 5.92
N TRP A 153 5.10 -14.19 7.09
CA TRP A 153 6.30 -14.97 7.32
C TRP A 153 6.09 -15.88 8.52
N ASN A 154 6.45 -17.15 8.33
CA ASN A 154 6.30 -18.16 9.37
C ASN A 154 4.88 -18.21 9.95
N SER A 155 3.91 -18.14 9.03
CA SER A 155 2.48 -18.22 9.34
C SER A 155 2.01 -17.10 10.26
N GLY A 156 2.72 -15.97 10.22
CA GLY A 156 2.38 -14.80 11.04
C GLY A 156 3.20 -14.65 12.31
N ALA A 157 4.06 -15.63 12.59
CA ALA A 157 4.91 -15.59 13.79
C ALA A 157 6.11 -14.65 13.65
N LEU A 158 6.46 -14.30 12.41
CA LEU A 158 7.55 -13.37 12.15
C LEU A 158 7.03 -12.08 11.50
N THR A 159 7.19 -10.96 12.20
CA THR A 159 6.70 -9.66 11.73
C THR A 159 7.77 -8.58 11.79
N SER A 160 8.67 -8.68 12.76
CA SER A 160 9.76 -7.73 12.93
C SER A 160 10.71 -7.77 11.74
N GLY A 161 11.01 -6.60 11.20
CA GLY A 161 11.96 -6.47 10.11
C GLY A 161 11.42 -6.83 8.73
N VAL A 162 10.12 -7.12 8.65
CA VAL A 162 9.50 -7.51 7.39
C VAL A 162 9.16 -6.27 6.57
N HIS A 163 9.55 -6.28 5.30
CA HIS A 163 9.14 -5.27 4.31
C HIS A 163 8.55 -5.95 3.09
N THR A 164 7.25 -5.78 2.92
CA THR A 164 6.59 -6.26 1.71
C THR A 164 6.37 -5.04 0.81
N PHE A 165 7.06 -5.04 -0.32
CA PHE A 165 7.08 -3.89 -1.21
C PHE A 165 5.77 -3.76 -1.99
N PRO A 166 5.39 -2.52 -2.36
CA PRO A 166 4.26 -2.31 -3.25
C PRO A 166 4.44 -3.08 -4.55
N ALA A 167 3.34 -3.64 -5.06
CA ALA A 167 3.37 -4.36 -6.32
C ALA A 167 3.68 -3.41 -7.47
N VAL A 168 4.37 -3.93 -8.48
CA VAL A 168 4.59 -3.21 -9.73
C VAL A 168 3.97 -4.01 -10.87
N LEU A 169 3.28 -3.29 -11.77
CA LEU A 169 2.73 -3.89 -12.97
C LEU A 169 3.85 -4.10 -13.99
N GLN A 170 4.11 -5.36 -14.34
CA GLN A 170 5.13 -5.71 -15.32
C GLN A 170 4.63 -5.44 -16.74
N SER A 171 5.57 -5.43 -17.70
CA SER A 171 5.23 -5.18 -19.11
C SER A 171 4.30 -6.26 -19.68
N SER A 172 4.25 -7.41 -19.01
CA SER A 172 3.36 -8.51 -19.39
C SER A 172 1.91 -8.22 -19.04
N GLY A 173 1.68 -7.27 -18.12
CA GLY A 173 0.35 -6.99 -17.60
C GLY A 173 0.06 -7.74 -16.30
N LEU A 174 1.07 -8.42 -15.78
CA LEU A 174 0.94 -9.14 -14.51
C LEU A 174 1.73 -8.44 -13.41
N TYR A 175 1.26 -8.57 -12.17
CA TYR A 175 1.89 -7.92 -11.03
C TYR A 175 3.04 -8.75 -10.47
N SER A 176 3.97 -8.08 -9.80
CA SER A 176 5.09 -8.71 -9.14
C SER A 176 5.53 -7.87 -7.95
N LEU A 177 5.94 -8.53 -6.87
CA LEU A 177 6.50 -7.84 -5.71
C LEU A 177 7.48 -8.74 -4.98
N SER A 178 8.31 -8.13 -4.13
CA SER A 178 9.16 -8.90 -3.23
C SER A 178 8.78 -8.59 -1.79
N SER A 179 8.94 -9.59 -0.94
CA SER A 179 8.83 -9.41 0.49
C SER A 179 10.16 -9.86 1.10
N VAL A 180 10.77 -8.99 1.90
CA VAL A 180 12.05 -9.28 2.51
C VAL A 180 11.97 -9.16 4.03
N VAL A 181 12.90 -9.81 4.72
CA VAL A 181 13.02 -9.69 6.17
C VAL A 181 14.49 -9.71 6.58
N THR A 182 14.84 -8.87 7.54
CA THR A 182 16.17 -8.90 8.14
C THR A 182 16.10 -9.67 9.45
N VAL A 183 17.03 -10.61 9.61
CA VAL A 183 17.06 -11.51 10.77
C VAL A 183 18.49 -11.63 11.31
N PRO A 184 18.67 -12.18 12.54
CA PRO A 184 20.04 -12.41 13.00
C PRO A 184 20.75 -13.45 12.13
N SER A 185 21.98 -13.13 11.73
CA SER A 185 22.78 -14.04 10.89
C SER A 185 23.06 -15.36 11.62
N SER A 186 23.15 -15.31 12.94
CA SER A 186 23.35 -16.49 13.77
C SER A 186 22.20 -17.52 13.67
N SER A 187 21.04 -17.06 13.20
CA SER A 187 19.85 -17.91 13.14
C SER A 187 19.73 -18.74 11.86
N LEU A 188 20.54 -18.41 10.84
CA LEU A 188 20.36 -18.98 9.50
C LEU A 188 20.51 -20.50 9.42
N GLY A 189 21.46 -21.06 10.15
CA GLY A 189 21.63 -22.52 10.17
C GLY A 189 20.59 -23.25 11.01
N THR A 190 19.80 -22.49 11.75
CA THR A 190 18.99 -23.02 12.85
C THR A 190 17.48 -22.75 12.71
N GLN A 191 17.15 -21.49 12.42
CA GLN A 191 15.75 -21.06 12.33
C GLN A 191 15.24 -21.16 10.91
N THR A 192 14.12 -21.88 10.73
CA THR A 192 13.47 -22.00 9.42
C THR A 192 12.68 -20.73 9.10
N TYR A 193 12.77 -20.30 7.84
CA TYR A 193 12.01 -19.15 7.36
C TYR A 193 11.18 -19.53 6.15
N ILE A 194 9.87 -19.29 6.25
CA ILE A 194 8.92 -19.60 5.19
C ILE A 194 8.06 -18.38 4.93
N CYS A 195 7.90 -18.02 3.66
CA CYS A 195 6.96 -16.97 3.30
C CYS A 195 5.63 -17.61 2.87
N ASN A 196 4.53 -17.04 3.34
CA ASN A 196 3.21 -17.56 3.04
C ASN A 196 2.48 -16.54 2.19
N VAL A 197 2.18 -16.93 0.96
CA VAL A 197 1.58 -16.02 -0.01
C VAL A 197 0.14 -16.42 -0.28
N ASN A 198 -0.78 -15.48 -0.06
CA ASN A 198 -2.19 -15.73 -0.33
C ASN A 198 -2.69 -14.79 -1.42
N HIS A 199 -3.27 -15.37 -2.46
CA HIS A 199 -3.88 -14.61 -3.54
C HIS A 199 -5.34 -15.02 -3.64
N LYS A 200 -6.20 -14.28 -2.92
CA LYS A 200 -7.62 -14.61 -2.80
CA LYS A 200 -7.61 -14.62 -2.80
C LYS A 200 -8.37 -14.71 -4.13
N PRO A 201 -8.08 -13.79 -5.09
CA PRO A 201 -8.83 -13.87 -6.35
C PRO A 201 -8.70 -15.18 -7.14
N SER A 202 -7.56 -15.85 -7.02
CA SER A 202 -7.36 -17.14 -7.71
C SER A 202 -7.39 -18.32 -6.74
N ASN A 203 -7.78 -18.04 -5.49
CA ASN A 203 -7.76 -19.03 -4.41
C ASN A 203 -6.44 -19.81 -4.35
N THR A 204 -5.35 -19.06 -4.48
CA THR A 204 -4.00 -19.61 -4.50
C THR A 204 -3.30 -19.31 -3.18
N LYS A 205 -2.83 -20.38 -2.53
CA LYS A 205 -1.99 -20.26 -1.35
C LYS A 205 -0.68 -21.00 -1.62
N VAL A 206 0.43 -20.31 -1.38
CA VAL A 206 1.76 -20.89 -1.58
C VAL A 206 2.63 -20.65 -0.35
N ASP A 207 3.26 -21.72 0.14
CA ASP A 207 4.30 -21.62 1.16
C ASP A 207 5.64 -21.87 0.47
N LYS A 208 6.62 -21.01 0.74
CA LYS A 208 7.95 -21.20 0.18
C LYS A 208 9.02 -21.10 1.25
N ARG A 209 9.74 -22.20 1.45
CA ARG A 209 10.86 -22.21 2.37
C ARG A 209 12.03 -21.45 1.74
N VAL A 210 12.65 -20.59 2.54
CA VAL A 210 13.81 -19.80 2.10
C VAL A 210 15.03 -20.25 2.88
N GLU A 211 15.87 -21.03 2.22
CA GLU A 211 17.04 -21.63 2.85
C GLU A 211 18.34 -20.95 2.40
N PRO A 212 19.35 -20.90 3.29
CA PRO A 212 20.64 -20.29 2.95
C PRO A 212 21.29 -20.95 1.74
N LYS A 213 22.05 -20.15 0.99
CA LYS A 213 22.75 -20.62 -0.21
C LYS A 213 23.62 -21.84 0.08
N SER A 214 23.30 -22.96 -0.56
CA SER A 214 24.03 -24.22 -0.38
C SER A 214 25.18 -24.36 -1.37
N CYS A 215 25.95 -23.28 -1.50
CA CYS A 215 27.12 -23.21 -2.39
C CYS A 215 28.00 -22.02 -2.02
N ASP B 1 -20.99 20.60 -7.72
CA ASP B 1 -21.05 20.03 -6.34
C ASP B 1 -20.26 20.95 -5.42
N ILE B 2 -20.23 20.68 -4.11
CA ILE B 2 -19.33 21.43 -3.25
C ILE B 2 -17.92 20.84 -3.40
N GLN B 3 -17.01 21.67 -3.90
CA GLN B 3 -15.65 21.26 -4.19
C GLN B 3 -14.71 21.68 -3.07
N MET B 4 -13.89 20.75 -2.61
CA MET B 4 -12.88 21.01 -1.60
C MET B 4 -11.50 21.08 -2.24
N THR B 5 -10.84 22.23 -2.12
CA THR B 5 -9.50 22.40 -2.67
C THR B 5 -8.48 22.29 -1.54
N GLN B 6 -7.72 21.19 -1.56
CA GLN B 6 -6.75 20.89 -0.53
C GLN B 6 -5.33 21.21 -0.97
N SER B 7 -4.58 21.89 -0.09
CA SER B 7 -3.20 22.25 -0.37
C SER B 7 -2.34 22.22 0.90
N PRO B 8 -1.04 21.91 0.77
CA PRO B 8 -0.35 21.50 -0.46
C PRO B 8 -0.56 20.02 -0.73
N SER B 9 -0.11 19.53 -1.88
CA SER B 9 -0.28 18.13 -2.24
C SER B 9 0.68 17.22 -1.48
N SER B 10 1.83 17.77 -1.09
CA SER B 10 2.81 17.05 -0.29
C SER B 10 3.60 17.98 0.62
N LEU B 11 4.06 17.43 1.74
CA LEU B 11 4.84 18.16 2.73
C LEU B 11 5.97 17.28 3.25
N SER B 12 7.08 17.93 3.61
CA SER B 12 8.18 17.26 4.28
C SER B 12 8.67 18.17 5.42
N ALA B 13 8.65 17.65 6.64
CA ALA B 13 9.04 18.43 7.82
C ALA B 13 9.71 17.58 8.89
N SER B 14 10.50 18.23 9.75
CA SER B 14 11.30 17.56 10.76
C SER B 14 10.49 17.22 12.01
N VAL B 15 10.98 16.25 12.79
CA VAL B 15 10.38 15.92 14.08
C VAL B 15 10.33 17.18 14.96
N GLY B 16 9.13 17.51 15.43
CA GLY B 16 8.92 18.69 16.25
C GLY B 16 8.47 19.93 15.50
N ASP B 17 8.56 19.88 14.17
CA ASP B 17 8.10 20.98 13.32
C ASP B 17 6.58 21.08 13.34
N ARG B 18 6.07 22.23 12.90
CA ARG B 18 4.64 22.45 12.71
C ARG B 18 4.33 22.46 11.23
N VAL B 19 3.23 21.79 10.86
CA VAL B 19 2.73 21.85 9.48
C VAL B 19 1.26 22.27 9.46
N THR B 20 0.88 22.96 8.39
CA THR B 20 -0.51 23.37 8.20
C THR B 20 -0.99 22.84 6.85
N ILE B 21 -2.14 22.16 6.89
CA ILE B 21 -2.82 21.68 5.69
C ILE B 21 -4.13 22.45 5.57
N THR B 22 -4.41 22.96 4.38
CA THR B 22 -5.58 23.82 4.16
C THR B 22 -6.56 23.20 3.18
N CYS B 23 -7.85 23.29 3.52
CA CYS B 23 -8.94 22.94 2.59
C CYS B 23 -9.88 24.14 2.44
N ARG B 24 -10.10 24.57 1.21
CA ARG B 24 -11.03 25.63 0.92
C ARG B 24 -12.27 25.05 0.23
N ALA B 25 -13.45 25.42 0.74
CA ALA B 25 -14.71 24.98 0.17
C ALA B 25 -15.19 25.97 -0.89
N SER B 26 -15.76 25.46 -1.98
CA SER B 26 -16.24 26.28 -3.10
C SER B 26 -17.46 27.14 -2.73
N GLN B 27 -18.14 26.74 -1.65
CA GLN B 27 -19.22 27.53 -1.05
C GLN B 27 -19.29 27.24 0.44
N GLU B 28 -20.21 27.91 1.13
CA GLU B 28 -20.36 27.75 2.58
C GLU B 28 -20.67 26.30 2.94
N ILE B 29 -19.99 25.80 3.98
CA ILE B 29 -20.26 24.45 4.49
C ILE B 29 -20.51 24.47 6.00
N SER B 30 -20.77 25.67 6.54
CA SER B 30 -20.81 25.89 7.98
C SER B 30 -19.52 25.33 8.58
N GLY B 31 -19.62 24.54 9.64
CA GLY B 31 -18.45 23.88 10.20
C GLY B 31 -18.38 22.39 9.89
N TYR B 32 -19.11 21.97 8.86
CA TYR B 32 -19.26 20.53 8.59
C TYR B 32 -18.12 19.96 7.75
N LEU B 33 -16.96 19.87 8.37
CA LEU B 33 -15.78 19.28 7.76
C LEU B 33 -15.05 18.37 8.74
N GLY B 34 -14.63 17.21 8.25
CA GLY B 34 -13.80 16.29 9.02
C GLY B 34 -12.42 16.15 8.41
N TRP B 35 -11.47 15.71 9.23
CA TRP B 35 -10.11 15.41 8.78
C TRP B 35 -9.81 13.94 8.98
N LEU B 36 -9.21 13.33 7.96
CA LEU B 36 -8.91 11.90 7.96
C LEU B 36 -7.43 11.66 7.78
N GLN B 37 -6.95 10.57 8.36
CA GLN B 37 -5.55 10.19 8.28
C GLN B 37 -5.44 8.77 7.76
N GLN B 38 -4.70 8.60 6.65
CA GLN B 38 -4.47 7.27 6.07
C GLN B 38 -3.01 6.86 6.22
N LYS B 39 -2.79 5.86 7.08
CA LYS B 39 -1.46 5.27 7.27
C LYS B 39 -1.36 3.94 6.54
N PRO B 40 -0.15 3.53 6.13
CA PRO B 40 0.04 2.27 5.41
C PRO B 40 -0.40 1.06 6.22
N GLY B 41 -1.13 0.15 5.56
CA GLY B 41 -1.60 -1.09 6.19
C GLY B 41 -2.63 -0.91 7.28
N LYS B 42 -3.20 0.30 7.38
CA LYS B 42 -4.19 0.60 8.40
C LYS B 42 -5.45 1.18 7.78
N ALA B 43 -6.60 0.88 8.38
CA ALA B 43 -7.86 1.49 7.98
C ALA B 43 -7.78 3.00 8.17
N ILE B 44 -8.46 3.72 7.28
CA ILE B 44 -8.53 5.19 7.37
C ILE B 44 -9.13 5.59 8.72
N LYS B 45 -8.53 6.60 9.36
CA LYS B 45 -8.92 7.03 10.69
C LYS B 45 -9.39 8.49 10.69
N ARG B 46 -10.53 8.74 11.34
CA ARG B 46 -11.00 10.11 11.55
C ARG B 46 -10.23 10.72 12.72
N LEU B 47 -9.76 11.95 12.52
CA LEU B 47 -9.05 12.69 13.56
C LEU B 47 -9.94 13.75 14.18
N ILE B 48 -10.70 14.44 13.32
CA ILE B 48 -11.45 15.62 13.69
C ILE B 48 -12.77 15.67 12.91
N TYR B 49 -13.84 16.10 13.59
CA TYR B 49 -15.09 16.40 12.90
C TYR B 49 -15.64 17.73 13.39
N ALA B 50 -16.66 18.27 12.71
CA ALA B 50 -17.21 19.59 13.03
C ALA B 50 -16.11 20.67 13.05
N ALA B 51 -15.17 20.53 12.13
CA ALA B 51 -14.02 21.44 11.95
C ALA B 51 -12.98 21.43 13.07
N SER B 52 -13.40 21.32 14.33
CA SER B 52 -12.51 21.52 15.47
C SER B 52 -12.71 20.58 16.65
N THR B 53 -13.54 19.55 16.48
CA THR B 53 -13.74 18.55 17.53
C THR B 53 -12.80 17.36 17.34
N LEU B 54 -11.84 17.21 18.26
CA LEU B 54 -10.91 16.08 18.23
C LEU B 54 -11.60 14.81 18.70
N ASP B 55 -11.39 13.73 17.97
CA ASP B 55 -11.84 12.41 18.42
C ASP B 55 -10.99 11.96 19.59
N SER B 56 -11.61 11.21 20.50
CA SER B 56 -10.91 10.64 21.65
C SER B 56 -9.76 9.76 21.19
N GLY B 57 -8.62 9.89 21.87
CA GLY B 57 -7.44 9.09 21.55
C GLY B 57 -6.48 9.79 20.60
N VAL B 58 -6.99 10.76 19.85
CA VAL B 58 -6.14 11.53 18.93
C VAL B 58 -5.32 12.54 19.73
N PRO B 59 -3.98 12.53 19.58
CA PRO B 59 -3.10 13.41 20.34
C PRO B 59 -3.42 14.89 20.12
N SER B 60 -3.22 15.70 21.16
CA SER B 60 -3.58 17.12 21.12
C SER B 60 -2.75 17.97 20.15
N ARG B 61 -1.67 17.40 19.60
CA ARG B 61 -0.87 18.10 18.59
C ARG B 61 -1.61 18.28 17.25
N PHE B 62 -2.70 17.53 17.08
CA PHE B 62 -3.59 17.70 15.93
C PHE B 62 -4.66 18.73 16.25
N SER B 63 -4.73 19.79 15.46
CA SER B 63 -5.65 20.90 15.71
C SER B 63 -6.40 21.30 14.44
N GLY B 64 -7.73 21.27 14.50
CA GLY B 64 -8.56 21.73 13.39
C GLY B 64 -9.18 23.07 13.68
N SER B 65 -9.18 23.96 12.68
CA SER B 65 -9.82 25.27 12.82
C SER B 65 -10.41 25.74 11.51
N ARG B 66 -11.23 26.80 11.57
CA ARG B 66 -11.79 27.38 10.36
C ARG B 66 -11.94 28.90 10.41
N SER B 67 -11.88 29.50 9.24
CA SER B 67 -12.13 30.92 9.04
C SER B 67 -12.92 31.05 7.74
N GLY B 68 -14.23 31.24 7.88
CA GLY B 68 -15.12 31.28 6.72
C GLY B 68 -15.19 29.94 6.00
N THR B 69 -14.73 29.92 4.75
CA THR B 69 -14.70 28.68 3.97
C THR B 69 -13.30 28.06 3.90
N ASP B 70 -12.37 28.64 4.65
CA ASP B 70 -11.01 28.11 4.78
C ASP B 70 -10.86 27.26 6.05
N PHE B 71 -10.46 26.00 5.85
CA PHE B 71 -10.31 25.06 6.95
C PHE B 71 -8.87 24.59 7.04
N THR B 72 -8.33 24.54 8.27
CA THR B 72 -6.93 24.17 8.45
C THR B 72 -6.76 23.03 9.44
N LEU B 73 -5.91 22.07 9.07
CA LEU B 73 -5.40 21.07 10.00
C LEU B 73 -3.97 21.47 10.33
N THR B 74 -3.73 21.79 11.59
CA THR B 74 -2.40 22.14 12.05
C THR B 74 -1.87 21.01 12.91
N ILE B 75 -0.75 20.42 12.48
CA ILE B 75 -0.10 19.38 13.27
C ILE B 75 1.19 19.96 13.83
N SER B 76 1.20 20.15 15.15
CA SER B 76 2.38 20.65 15.84
C SER B 76 3.22 19.49 16.32
N SER B 77 4.45 19.79 16.76
CA SER B 77 5.31 18.80 17.42
C SER B 77 5.28 17.45 16.69
N LEU B 78 5.56 17.47 15.39
CA LEU B 78 5.48 16.29 14.54
C LEU B 78 6.30 15.11 15.07
N GLN B 79 5.73 13.92 14.95
CA GLN B 79 6.39 12.69 15.37
C GLN B 79 6.55 11.76 14.17
N PRO B 80 7.54 10.84 14.21
CA PRO B 80 7.75 9.91 13.10
C PRO B 80 6.50 9.16 12.66
N GLU B 81 5.64 8.79 13.62
CA GLU B 81 4.42 8.05 13.31
C GLU B 81 3.33 8.90 12.63
N ASP B 82 3.60 10.20 12.43
CA ASP B 82 2.64 11.09 11.77
C ASP B 82 2.72 11.00 10.25
N PHE B 83 3.66 10.22 9.74
CA PHE B 83 3.70 9.90 8.32
C PHE B 83 2.36 9.32 7.89
N ALA B 84 1.74 9.94 6.89
CA ALA B 84 0.41 9.57 6.41
C ALA B 84 0.00 10.45 5.25
N THR B 85 -1.12 10.09 4.62
CA THR B 85 -1.82 11.01 3.73
C THR B 85 -3.06 11.50 4.46
N TYR B 86 -3.24 12.81 4.46
CA TYR B 86 -4.36 13.45 5.16
C TYR B 86 -5.38 13.95 4.17
N TYR B 87 -6.66 13.79 4.51
CA TYR B 87 -7.75 14.24 3.65
C TYR B 87 -8.78 15.02 4.45
N CYS B 88 -9.34 16.06 3.83
CA CYS B 88 -10.55 16.67 4.39
C CYS B 88 -11.78 16.09 3.72
N LEU B 89 -12.91 16.14 4.41
CA LEU B 89 -14.18 15.65 3.88
C LEU B 89 -15.27 16.60 4.34
N GLN B 90 -16.02 17.16 3.42
CA GLN B 90 -17.19 17.97 3.80
C GLN B 90 -18.47 17.14 3.79
N TYR B 91 -19.31 17.38 4.78
CA TYR B 91 -20.58 16.69 4.90
C TYR B 91 -21.73 17.69 5.14
N ALA B 92 -21.55 18.90 4.63
CA ALA B 92 -22.59 19.93 4.71
C ALA B 92 -23.68 19.70 3.67
N SER B 93 -23.37 18.88 2.67
CA SER B 93 -24.27 18.68 1.53
C SER B 93 -24.08 17.28 0.96
N PHE B 94 -25.02 16.87 0.11
CA PHE B 94 -24.87 15.68 -0.72
C PHE B 94 -24.52 16.10 -2.14
N PRO B 95 -23.53 15.43 -2.77
CA PRO B 95 -22.72 14.36 -2.19
C PRO B 95 -21.67 14.89 -1.22
N ARG B 96 -21.24 14.03 -0.29
CA ARG B 96 -20.06 14.29 0.49
C ARG B 96 -18.88 14.31 -0.47
N THR B 97 -17.94 15.23 -0.25
CA THR B 97 -16.77 15.34 -1.14
C THR B 97 -15.46 15.47 -0.37
N PHE B 98 -14.40 14.89 -0.94
CA PHE B 98 -13.07 14.88 -0.34
C PHE B 98 -12.13 15.90 -0.97
N GLY B 99 -11.19 16.39 -0.17
CA GLY B 99 -10.01 17.07 -0.70
C GLY B 99 -9.10 16.07 -1.40
N GLN B 100 -8.12 16.58 -2.14
CA GLN B 100 -7.26 15.75 -2.99
C GLN B 100 -6.19 15.02 -2.19
N GLY B 101 -6.00 15.43 -0.93
CA GLY B 101 -5.06 14.78 -0.03
C GLY B 101 -3.73 15.50 0.07
N THR B 102 -3.05 15.28 1.19
CA THR B 102 -1.71 15.83 1.44
C THR B 102 -0.83 14.69 1.97
N LYS B 103 0.24 14.40 1.23
CA LYS B 103 1.20 13.38 1.67
C LYS B 103 2.24 14.03 2.57
N LEU B 104 2.33 13.56 3.80
CA LEU B 104 3.27 14.11 4.77
C LEU B 104 4.44 13.15 5.00
N GLU B 105 5.64 13.63 4.71
CA GLU B 105 6.87 12.92 5.02
C GLU B 105 7.51 13.53 6.26
N ILE B 106 8.10 12.68 7.10
CA ILE B 106 8.87 13.13 8.24
C ILE B 106 10.36 13.14 7.91
N LYS B 107 10.98 14.31 8.05
CA LYS B 107 12.42 14.45 7.86
C LYS B 107 13.20 13.75 8.96
N ARG B 108 14.42 13.35 8.63
CA ARG B 108 15.38 12.82 9.60
C ARG B 108 16.78 13.08 9.06
N THR B 109 17.79 12.74 9.86
CA THR B 109 19.18 12.87 9.43
C THR B 109 19.45 11.97 8.23
N VAL B 110 20.29 12.45 7.31
CA VAL B 110 20.67 11.69 6.13
C VAL B 110 21.24 10.34 6.56
N ALA B 111 20.73 9.26 5.96
CA ALA B 111 21.21 7.92 6.24
C ALA B 111 21.46 7.18 4.93
N ALA B 112 22.68 6.68 4.76
CA ALA B 112 23.05 5.95 3.56
C ALA B 112 22.52 4.53 3.62
N PRO B 113 22.09 3.97 2.47
CA PRO B 113 21.57 2.60 2.47
C PRO B 113 22.67 1.55 2.63
N SER B 114 22.32 0.44 3.25
CA SER B 114 23.09 -0.79 3.13
C SER B 114 22.52 -1.56 1.94
N VAL B 115 23.38 -2.22 1.18
CA VAL B 115 23.01 -2.82 -0.08
C VAL B 115 23.27 -4.32 -0.10
N PHE B 116 22.23 -5.08 -0.46
CA PHE B 116 22.30 -6.54 -0.56
C PHE B 116 21.87 -6.99 -1.95
N ILE B 117 22.42 -8.12 -2.41
CA ILE B 117 22.08 -8.65 -3.73
C ILE B 117 21.65 -10.12 -3.65
N PHE B 118 20.66 -10.48 -4.48
CA PHE B 118 20.11 -11.83 -4.52
C PHE B 118 20.10 -12.36 -5.96
N PRO B 119 20.89 -13.43 -6.23
CA PRO B 119 20.85 -14.08 -7.53
C PRO B 119 19.49 -14.76 -7.76
N PRO B 120 19.17 -15.07 -9.03
CA PRO B 120 17.95 -15.84 -9.25
C PRO B 120 18.03 -17.21 -8.59
N SER B 121 16.87 -17.70 -8.13
CA SER B 121 16.76 -19.02 -7.53
C SER B 121 16.89 -20.09 -8.61
N ASP B 122 17.34 -21.27 -8.20
CA ASP B 122 17.38 -22.43 -9.10
C ASP B 122 15.98 -22.79 -9.60
N GLU B 123 14.97 -22.62 -8.75
CA GLU B 123 13.58 -22.87 -9.14
C GLU B 123 13.13 -21.99 -10.30
N GLN B 124 13.42 -20.69 -10.22
CA GLN B 124 13.06 -19.77 -11.30
C GLN B 124 13.83 -20.08 -12.58
N LEU B 125 15.08 -20.49 -12.44
CA LEU B 125 15.93 -20.82 -13.59
C LEU B 125 15.42 -22.02 -14.40
N LYS B 126 14.44 -22.74 -13.87
CA LYS B 126 13.73 -23.78 -14.63
C LYS B 126 12.83 -23.14 -15.69
N SER B 127 12.37 -21.91 -15.42
CA SER B 127 11.57 -21.15 -16.38
C SER B 127 12.47 -20.42 -17.37
N GLY B 128 11.87 -19.62 -18.26
CA GLY B 128 12.60 -18.87 -19.26
C GLY B 128 13.20 -17.56 -18.78
N THR B 129 12.90 -17.19 -17.54
CA THR B 129 13.27 -15.87 -17.01
C THR B 129 14.13 -15.96 -15.74
N ALA B 130 15.09 -15.05 -15.62
CA ALA B 130 15.91 -14.89 -14.42
C ALA B 130 15.73 -13.50 -13.85
N SER B 131 15.33 -13.43 -12.58
CA SER B 131 15.21 -12.16 -11.87
C SER B 131 16.35 -11.99 -10.87
N VAL B 132 17.01 -10.84 -10.94
CA VAL B 132 18.07 -10.49 -9.99
C VAL B 132 17.57 -9.33 -9.14
N VAL B 133 17.75 -9.43 -7.82
CA VAL B 133 17.19 -8.43 -6.90
C VAL B 133 18.26 -7.75 -6.07
N CYS B 134 18.25 -6.42 -6.11
CA CYS B 134 19.13 -5.58 -5.30
C CYS B 134 18.25 -4.91 -4.23
N LEU B 135 18.65 -5.04 -2.97
CA LEU B 135 17.88 -4.48 -1.85
C LEU B 135 18.66 -3.36 -1.15
N LEU B 136 18.01 -2.22 -1.01
CA LEU B 136 18.57 -1.06 -0.30
C LEU B 136 17.83 -0.89 1.01
N ASN B 137 18.54 -0.99 2.13
CA ASN B 137 17.90 -0.93 3.44
C ASN B 137 18.13 0.34 4.23
N ASN B 138 17.05 0.84 4.82
CA ASN B 138 17.08 1.87 5.87
C ASN B 138 17.82 3.15 5.51
N PHE B 139 17.34 3.82 4.47
CA PHE B 139 17.96 5.06 4.01
C PHE B 139 17.03 6.28 4.04
N TYR B 140 17.66 7.46 4.06
CA TYR B 140 16.96 8.74 3.91
C TYR B 140 17.93 9.76 3.31
N PRO B 141 17.47 10.58 2.35
CA PRO B 141 16.13 10.70 1.78
C PRO B 141 15.73 9.57 0.81
N ARG B 142 14.49 9.66 0.32
CA ARG B 142 13.88 8.63 -0.52
C ARG B 142 14.58 8.47 -1.87
N GLU B 143 15.14 9.56 -2.38
CA GLU B 143 15.81 9.55 -3.68
C GLU B 143 17.08 8.70 -3.65
N ALA B 144 17.13 7.71 -4.54
CA ALA B 144 18.27 6.83 -4.66
C ALA B 144 18.36 6.33 -6.10
N LYS B 145 19.58 6.11 -6.57
CA LYS B 145 19.80 5.65 -7.94
C LYS B 145 20.43 4.26 -7.94
N VAL B 146 19.82 3.35 -8.69
CA VAL B 146 20.34 2.00 -8.84
C VAL B 146 20.63 1.75 -10.31
N GLN B 147 21.89 1.44 -10.62
CA GLN B 147 22.31 1.10 -11.97
C GLN B 147 22.77 -0.35 -12.03
N TRP B 148 22.17 -1.09 -12.96
CA TRP B 148 22.51 -2.49 -13.17
C TRP B 148 23.59 -2.63 -14.23
N LYS B 149 24.60 -3.45 -13.92
CA LYS B 149 25.68 -3.72 -14.86
C LYS B 149 25.82 -5.23 -15.08
N VAL B 150 25.81 -5.63 -16.33
CA VAL B 150 26.01 -7.03 -16.71
C VAL B 150 27.29 -7.12 -17.55
N ASP B 151 28.31 -7.79 -16.99
CA ASP B 151 29.66 -7.81 -17.57
C ASP B 151 30.17 -6.40 -17.89
N ASN B 152 29.96 -5.48 -16.95
CA ASN B 152 30.35 -4.07 -17.06
C ASN B 152 29.48 -3.20 -17.99
N ALA B 153 28.54 -3.84 -18.69
CA ALA B 153 27.65 -3.11 -19.59
C ALA B 153 26.43 -2.57 -18.84
N LEU B 154 26.21 -1.26 -18.96
CA LEU B 154 25.10 -0.60 -18.28
C LEU B 154 23.76 -1.01 -18.86
N GLN B 155 22.85 -1.42 -17.98
CA GLN B 155 21.51 -1.88 -18.39
C GLN B 155 20.51 -0.74 -18.40
N SER B 156 19.52 -0.84 -19.30
CA SER B 156 18.38 0.08 -19.33
C SER B 156 17.13 -0.60 -19.87
N GLY B 157 15.99 -0.27 -19.28
CA GLY B 157 14.69 -0.77 -19.73
C GLY B 157 14.33 -2.17 -19.27
N ASN B 158 15.17 -2.77 -18.44
CA ASN B 158 14.93 -4.14 -17.96
C ASN B 158 14.94 -4.26 -16.43
N SER B 159 14.72 -3.13 -15.75
CA SER B 159 14.63 -3.12 -14.30
C SER B 159 13.45 -2.28 -13.82
N GLN B 160 12.91 -2.65 -12.66
CA GLN B 160 11.82 -1.92 -12.04
C GLN B 160 12.11 -1.74 -10.55
N GLU B 161 11.72 -0.58 -10.02
CA GLU B 161 11.95 -0.23 -8.63
C GLU B 161 10.65 -0.15 -7.83
N SER B 162 10.74 -0.52 -6.56
CA SER B 162 9.64 -0.35 -5.63
C SER B 162 10.20 0.14 -4.30
N VAL B 163 9.50 1.11 -3.69
CA VAL B 163 9.95 1.70 -2.42
C VAL B 163 8.87 1.50 -1.37
N THR B 164 9.31 1.14 -0.15
CA THR B 164 8.39 1.01 0.98
C THR B 164 7.85 2.38 1.35
N GLU B 165 6.73 2.40 2.08
CA GLU B 165 6.30 3.63 2.72
C GLU B 165 7.30 3.93 3.83
N GLN B 166 7.32 5.17 4.28
CA GLN B 166 8.25 5.58 5.32
C GLN B 166 8.00 4.80 6.62
N ASP B 167 9.08 4.34 7.24
CA ASP B 167 8.98 3.59 8.50
C ASP B 167 8.45 4.52 9.60
N SER B 168 7.53 4.00 10.40
CA SER B 168 6.86 4.80 11.43
C SER B 168 7.74 5.06 12.65
N LYS B 169 8.86 4.35 12.73
CA LYS B 169 9.76 4.45 13.89
C LYS B 169 11.04 5.25 13.62
N ASP B 170 11.80 4.85 12.60
CA ASP B 170 13.08 5.50 12.31
C ASP B 170 13.05 6.40 11.06
N SER B 171 11.86 6.51 10.45
CA SER B 171 11.61 7.39 9.30
C SER B 171 12.47 7.09 8.06
N THR B 172 12.92 5.84 7.93
CA THR B 172 13.72 5.45 6.78
C THR B 172 12.87 4.78 5.70
N TYR B 173 13.47 4.64 4.52
CA TYR B 173 12.87 3.90 3.41
C TYR B 173 13.72 2.67 3.11
N SER B 174 13.09 1.71 2.45
CA SER B 174 13.82 0.60 1.84
C SER B 174 13.39 0.50 0.39
N LEU B 175 14.28 -0.01 -0.46
CA LEU B 175 14.03 -0.09 -1.89
C LEU B 175 14.44 -1.44 -2.47
N SER B 176 13.62 -1.97 -3.36
CA SER B 176 13.97 -3.14 -4.14
C SER B 176 14.12 -2.73 -5.59
N SER B 177 15.21 -3.17 -6.23
CA SER B 177 15.34 -3.06 -7.68
C SER B 177 15.42 -4.46 -8.26
N THR B 178 14.56 -4.75 -9.22
CA THR B 178 14.54 -6.07 -9.85
C THR B 178 14.93 -5.98 -11.32
N LEU B 179 16.01 -6.68 -11.66
CA LEU B 179 16.47 -6.80 -13.04
C LEU B 179 15.88 -8.07 -13.63
N THR B 180 15.15 -7.93 -14.73
CA THR B 180 14.51 -9.06 -15.40
C THR B 180 15.24 -9.40 -16.69
N LEU B 181 15.78 -10.61 -16.76
CA LEU B 181 16.52 -11.06 -17.92
C LEU B 181 15.98 -12.38 -18.43
N SER B 182 16.10 -12.60 -19.74
CA SER B 182 15.84 -13.93 -20.30
C SER B 182 16.91 -14.89 -19.78
N LYS B 183 16.51 -16.14 -19.55
CA LYS B 183 17.44 -17.18 -19.11
C LYS B 183 18.59 -17.32 -20.09
N ALA B 184 18.28 -17.21 -21.38
CA ALA B 184 19.29 -17.29 -22.45
C ALA B 184 20.36 -16.22 -22.32
N ASP B 185 19.94 -15.00 -22.01
CA ASP B 185 20.87 -13.90 -21.76
C ASP B 185 21.63 -14.09 -20.45
N TYR B 186 20.92 -14.56 -19.41
CA TYR B 186 21.52 -14.75 -18.09
C TYR B 186 22.68 -15.75 -18.10
N GLU B 187 22.51 -16.87 -18.79
CA GLU B 187 23.56 -17.90 -18.81
C GLU B 187 24.71 -17.60 -19.78
N LYS B 188 24.60 -16.49 -20.52
CA LYS B 188 25.66 -16.01 -21.39
C LYS B 188 26.72 -15.20 -20.62
N HIS B 189 26.28 -14.45 -19.61
CA HIS B 189 27.15 -13.52 -18.88
C HIS B 189 27.57 -14.04 -17.51
N LYS B 190 28.58 -13.39 -16.93
CA LYS B 190 29.20 -13.86 -15.69
C LYS B 190 28.99 -12.93 -14.49
N VAL B 191 29.31 -11.64 -14.67
CA VAL B 191 29.30 -10.68 -13.56
C VAL B 191 28.02 -9.85 -13.54
N TYR B 192 27.29 -9.95 -12.42
CA TYR B 192 26.06 -9.19 -12.24
C TYR B 192 26.19 -8.27 -11.03
N ALA B 193 25.98 -6.98 -11.27
CA ALA B 193 26.24 -5.95 -10.26
C ALA B 193 25.16 -4.89 -10.22
N CYS B 194 24.82 -4.45 -9.00
CA CYS B 194 23.99 -3.26 -8.82
C CYS B 194 24.84 -2.15 -8.18
N GLU B 195 24.86 -1.00 -8.83
CA GLU B 195 25.63 0.16 -8.38
C GLU B 195 24.69 1.21 -7.81
N VAL B 196 24.90 1.53 -6.54
CA VAL B 196 23.96 2.39 -5.80
C VAL B 196 24.60 3.74 -5.48
N THR B 197 23.91 4.81 -5.88
CA THR B 197 24.27 6.17 -5.49
C THR B 197 23.16 6.80 -4.64
N HIS B 198 23.56 7.60 -3.66
CA HIS B 198 22.63 8.22 -2.72
C HIS B 198 23.31 9.46 -2.13
N GLN B 199 22.51 10.37 -1.57
CA GLN B 199 23.04 11.60 -0.96
C GLN B 199 24.04 11.31 0.16
N GLY B 200 23.79 10.22 0.90
CA GLY B 200 24.62 9.83 2.02
C GLY B 200 25.84 8.98 1.69
N LEU B 201 26.03 8.69 0.41
CA LEU B 201 27.19 7.94 -0.06
C LEU B 201 28.18 8.84 -0.78
N SER B 202 29.41 8.91 -0.27
CA SER B 202 30.47 9.72 -0.87
C SER B 202 30.93 9.19 -2.22
N SER B 203 30.78 7.88 -2.41
CA SER B 203 31.07 7.22 -3.68
C SER B 203 30.10 6.06 -3.87
N PRO B 204 29.88 5.64 -5.13
CA PRO B 204 28.91 4.56 -5.39
C PRO B 204 29.26 3.26 -4.66
N VAL B 205 28.22 2.55 -4.21
CA VAL B 205 28.40 1.24 -3.60
C VAL B 205 27.95 0.17 -4.60
N THR B 206 28.85 -0.74 -4.92
CA THR B 206 28.56 -1.83 -5.85
C THR B 206 28.50 -3.16 -5.11
N LYS B 207 27.42 -3.89 -5.32
CA LYS B 207 27.29 -5.27 -4.86
C LYS B 207 27.16 -6.16 -6.09
N SER B 208 27.94 -7.24 -6.13
CA SER B 208 28.03 -8.09 -7.30
C SER B 208 28.16 -9.57 -6.96
N PHE B 209 27.90 -10.41 -7.95
CA PHE B 209 28.15 -11.85 -7.85
C PHE B 209 28.48 -12.43 -9.21
N ASN B 210 29.14 -13.58 -9.21
CA ASN B 210 29.45 -14.31 -10.44
C ASN B 210 28.50 -15.49 -10.60
N ARG B 211 27.87 -15.58 -11.76
CA ARG B 211 26.85 -16.61 -12.03
C ARG B 211 27.41 -18.04 -11.91
N GLY B 212 26.66 -18.89 -11.22
CA GLY B 212 26.94 -20.33 -11.17
C GLY B 212 28.03 -20.76 -10.21
N GLU B 213 28.66 -19.80 -9.55
CA GLU B 213 29.76 -20.09 -8.62
C GLU B 213 29.29 -20.89 -7.41
N CYS B 214 29.97 -21.99 -7.15
CA CYS B 214 29.72 -22.80 -5.97
C CYS B 214 30.99 -22.91 -5.14
#